data_1EFS
#
_entry.id   1EFS
#
_cell.length_a   1.000
_cell.length_b   1.000
_cell.length_c   1.000
_cell.angle_alpha   90.00
_cell.angle_beta   90.00
_cell.angle_gamma   90.00
#
_symmetry.space_group_name_H-M   'P 1'
#
loop_
_entity.id
_entity.type
_entity.pdbx_description
1 polymer "DNA (5'-D(*GP*AP*GP*AP*GP*GP*AP*AP*GP*AP*GP*AP*A)-3')"
2 polymer "RNA (5'-R(*UP*UP*CP*UP*CP*UP*UP*CP*CP*UP*CP*UP*C)-3')"
#
loop_
_entity_poly.entity_id
_entity_poly.type
_entity_poly.pdbx_seq_one_letter_code
_entity_poly.pdbx_strand_id
1 'polydeoxyribonucleotide' (DG)(DA)(DG)(DA)(DG)(DG)(DA)(DA)(DG)(DA)(DG)(DA)(DA) A
2 'polyribonucleotide' UUCUCUUCCUCUC B
#